data_4Q7N
#
_entry.id   4Q7N
#
_cell.length_a   61.068
_cell.length_b   66.735
_cell.length_c   106.072
_cell.angle_alpha   90.00
_cell.angle_beta   90.00
_cell.angle_gamma   90.00
#
_symmetry.space_group_name_H-M   'P 21 21 21'
#
loop_
_entity.id
_entity.type
_entity.pdbx_description
1 polymer 'Chitinase-3-like protein 1'
2 non-polymer 2-acetamido-2-deoxy-beta-D-glucopyranose
3 non-polymer N,N,N-trimethyl-4-oxobutan-1-aminium
4 water water
#
_entity_poly.entity_id   1
_entity_poly.type   'polypeptide(L)'
_entity_poly.pdbx_seq_one_letter_code
;YKLICYYTSWSQYREGDGSCFPDAIDPFLCTHVIYSFANISNNEIDTWEWNDVTLYDTLNTLKNRNPNLKTLLSVGGWNY
GSQRFSKIASKTQSRRTFIKSVPPFLRTHGFDGLDLAWLWPGWRDKRHLTTLVKEMKAEFVREAQAGTEQLLLSAAVTAG
KIAIDRGYDIAQISRHLDFISLLTYDFHGAWRQTVGHHSPLFRGNEDASSRFSNADYAVSYMLRLGAPANKLVMGIPTFG
RSYTLASSKTDVGAPISGPGIPGRFTKWKGILAYYEICDFLHGATTHRFRDQQVPYATKGNQWVAYDDQESVKNKARYLK
NRQLAGAMVWALDLDDFRGTFCGQNLTFPLTSAIKDVLARV
;
_entity_poly.pdbx_strand_id   A
#
loop_
_chem_comp.id
_chem_comp.type
_chem_comp.name
_chem_comp.formula
2ZO non-polymer N,N,N-trimethyl-4-oxobutan-1-aminium 'C7 H16 N O 1'
NAG D-saccharide, beta linking 2-acetamido-2-deoxy-beta-D-glucopyranose 'C8 H15 N O6'
#
# COMPACT_ATOMS: atom_id res chain seq x y z
N TYR A 1 -14.84 -5.96 8.75
CA TYR A 1 -13.74 -5.08 8.29
C TYR A 1 -13.05 -5.71 7.10
N LYS A 2 -12.45 -4.92 6.20
CA LYS A 2 -11.60 -5.55 5.21
C LYS A 2 -10.11 -5.42 5.67
N LEU A 3 -9.31 -6.39 5.29
CA LEU A 3 -7.86 -6.30 5.54
C LEU A 3 -7.22 -6.62 4.19
N ILE A 4 -6.79 -5.55 3.51
CA ILE A 4 -6.36 -5.62 2.09
C ILE A 4 -4.86 -5.66 2.14
N CYS A 5 -4.23 -6.69 1.58
CA CYS A 5 -2.78 -6.83 1.75
C CYS A 5 -2.08 -7.02 0.42
N TYR A 6 -1.04 -6.23 0.18
CA TYR A 6 -0.33 -6.33 -1.09
C TYR A 6 0.82 -7.32 -0.99
N TYR A 7 1.02 -8.02 -2.10
CA TYR A 7 2.14 -8.92 -2.27
C TYR A 7 2.85 -8.39 -3.51
N THR A 8 4.18 -8.19 -3.43
CA THR A 8 4.89 -7.59 -4.62
C THR A 8 5.66 -8.67 -5.42
N SER A 9 5.60 -8.60 -6.74
CA SER A 9 6.11 -9.64 -7.69
C SER A 9 7.62 -9.83 -7.53
N TRP A 10 8.28 -8.72 -7.21
CA TRP A 10 9.71 -8.64 -7.18
C TRP A 10 10.31 -9.13 -5.91
N SER A 11 9.47 -9.32 -4.88
CA SER A 11 10.00 -9.84 -3.56
C SER A 11 10.61 -11.27 -3.77
N GLN A 12 10.22 -11.99 -4.81
CA GLN A 12 10.69 -13.40 -4.97
C GLN A 12 12.19 -13.47 -5.16
N TYR A 13 12.77 -12.36 -5.63
CA TYR A 13 14.21 -12.33 -6.05
C TYR A 13 15.17 -11.99 -4.94
N ARG A 14 14.65 -11.54 -3.80
CA ARG A 14 15.54 -11.21 -2.70
C ARG A 14 16.36 -12.43 -2.25
N GLU A 15 17.57 -12.15 -1.79
CA GLU A 15 18.53 -13.19 -1.37
C GLU A 15 18.14 -13.87 -0.05
N GLY A 16 18.43 -15.17 0.02
CA GLY A 16 18.14 -15.93 1.22
C GLY A 16 16.74 -15.80 1.79
N ASP A 17 16.64 -15.48 3.09
CA ASP A 17 15.31 -15.40 3.73
C ASP A 17 14.53 -14.18 3.31
N GLY A 18 15.15 -13.25 2.58
CA GLY A 18 14.34 -12.11 2.03
C GLY A 18 13.40 -12.61 0.92
N SER A 19 13.73 -13.75 0.31
CA SER A 19 12.88 -14.29 -0.80
C SER A 19 11.47 -14.56 -0.31
N CYS A 20 10.46 -14.05 -1.05
CA CYS A 20 9.03 -14.23 -0.63
C CYS A 20 8.23 -14.63 -1.86
N PHE A 21 7.68 -15.86 -1.86
CA PHE A 21 6.72 -16.31 -2.83
C PHE A 21 5.30 -16.34 -2.24
N PRO A 22 4.25 -16.34 -3.10
CA PRO A 22 2.91 -16.20 -2.51
C PRO A 22 2.49 -17.37 -1.57
N ASP A 23 3.14 -18.54 -1.65
CA ASP A 23 2.78 -19.59 -0.68
C ASP A 23 3.33 -19.35 0.74
N ALA A 24 4.13 -18.30 0.91
CA ALA A 24 4.44 -17.84 2.25
C ALA A 24 3.24 -17.16 2.97
N ILE A 25 2.22 -16.77 2.21
CA ILE A 25 1.08 -16.05 2.78
C ILE A 25 0.06 -16.98 3.49
N ASP A 26 -0.32 -16.58 4.70
CA ASP A 26 -1.31 -17.32 5.50
C ASP A 26 -2.66 -17.04 4.83
N PRO A 27 -3.40 -18.08 4.44
CA PRO A 27 -4.60 -17.87 3.64
C PRO A 27 -5.66 -17.13 4.40
N PHE A 28 -5.58 -17.19 5.73
CA PHE A 28 -6.58 -16.59 6.59
C PHE A 28 -6.20 -15.25 7.23
N LEU A 29 -5.02 -14.74 6.92
CA LEU A 29 -4.48 -13.55 7.52
C LEU A 29 -5.31 -12.37 6.98
N CYS A 30 -5.40 -12.23 5.63
CA CYS A 30 -6.12 -11.06 5.03
C CYS A 30 -7.49 -11.46 4.44
N THR A 31 -8.33 -10.47 4.21
CA THR A 31 -9.56 -10.71 3.47
C THR A 31 -9.40 -10.61 1.95
N HIS A 32 -8.45 -9.78 1.56
CA HIS A 32 -8.17 -9.56 0.11
C HIS A 32 -6.65 -9.49 -0.05
N VAL A 33 -6.06 -10.22 -1.01
CA VAL A 33 -4.61 -10.04 -1.24
C VAL A 33 -4.50 -9.47 -2.66
N ILE A 34 -3.71 -8.42 -2.78
CA ILE A 34 -3.56 -7.72 -4.08
C ILE A 34 -2.17 -7.99 -4.59
N TYR A 35 -2.08 -8.58 -5.80
CA TYR A 35 -0.76 -8.92 -6.41
C TYR A 35 -0.28 -7.69 -7.26
N SER A 36 0.94 -7.19 -7.00
CA SER A 36 1.49 -5.99 -7.57
C SER A 36 2.74 -6.32 -8.36
N PHE A 37 2.95 -5.81 -9.59
CA PHE A 37 2.03 -5.04 -10.45
C PHE A 37 1.91 -5.74 -11.80
N ALA A 38 0.79 -5.49 -12.45
CA ALA A 38 0.55 -5.89 -13.85
C ALA A 38 1.02 -4.78 -14.78
N ASN A 39 1.45 -5.18 -15.98
CA ASN A 39 1.84 -4.17 -17.03
C ASN A 39 0.66 -3.81 -17.88
N ILE A 40 0.81 -2.81 -18.78
CA ILE A 40 -0.13 -2.61 -19.88
C ILE A 40 0.78 -2.62 -21.10
N SER A 41 0.48 -3.53 -22.04
CA SER A 41 1.31 -3.74 -23.21
C SER A 41 0.36 -3.92 -24.37
N ASN A 42 0.63 -3.28 -25.50
CA ASN A 42 -0.36 -3.29 -26.59
C ASN A 42 -1.73 -2.75 -26.13
N ASN A 43 -1.69 -1.80 -25.17
CA ASN A 43 -2.88 -1.23 -24.57
C ASN A 43 -3.74 -2.29 -23.83
N GLU A 44 -3.13 -3.42 -23.46
CA GLU A 44 -3.91 -4.46 -22.78
C GLU A 44 -3.22 -4.85 -21.47
N ILE A 45 -4.01 -5.28 -20.48
CA ILE A 45 -3.37 -5.65 -19.23
C ILE A 45 -2.48 -6.82 -19.55
N ASP A 46 -1.37 -6.97 -18.86
CA ASP A 46 -0.46 -8.08 -19.17
C ASP A 46 0.36 -8.45 -17.96
N THR A 47 1.06 -9.58 -18.02
CA THR A 47 2.05 -9.92 -17.00
C THR A 47 3.28 -8.99 -16.98
N TRP A 48 4.05 -9.11 -15.92
CA TRP A 48 5.22 -8.25 -15.70
C TRP A 48 6.46 -9.13 -15.58
N GLU A 49 6.54 -9.92 -14.52
CA GLU A 49 7.60 -10.92 -14.36
C GLU A 49 7.47 -12.09 -15.32
N TRP A 50 8.63 -12.62 -15.73
CA TRP A 50 8.63 -13.80 -16.64
C TRP A 50 7.75 -14.93 -16.12
N ASN A 51 7.69 -15.10 -14.79
CA ASN A 51 6.92 -16.20 -14.20
C ASN A 51 5.65 -15.74 -13.47
N ASP A 52 5.09 -14.57 -13.81
CA ASP A 52 3.80 -14.20 -13.20
C ASP A 52 2.71 -15.22 -13.42
N VAL A 53 2.65 -15.86 -14.60
CA VAL A 53 1.52 -16.85 -14.67
C VAL A 53 1.62 -17.91 -13.53
N THR A 54 2.84 -18.40 -13.21
CA THR A 54 3.05 -19.35 -12.12
C THR A 54 2.73 -18.74 -10.76
N LEU A 55 3.23 -17.54 -10.50
CA LEU A 55 2.92 -16.97 -9.17
C LEU A 55 1.49 -16.56 -8.99
N TYR A 56 0.82 -16.12 -10.08
CA TYR A 56 -0.64 -15.88 -9.99
C TYR A 56 -1.33 -17.17 -9.50
N ASP A 57 -0.91 -18.31 -10.09
CA ASP A 57 -1.44 -19.62 -9.73
C ASP A 57 -1.14 -19.94 -8.27
N THR A 58 0.08 -19.65 -7.85
CA THR A 58 0.48 -19.93 -6.46
C THR A 58 -0.43 -19.15 -5.50
N LEU A 59 -0.57 -17.84 -5.81
CA LEU A 59 -1.44 -16.98 -5.00
C LEU A 59 -2.85 -17.54 -5.02
N ASN A 60 -3.35 -17.83 -6.22
CA ASN A 60 -4.73 -18.27 -6.36
C ASN A 60 -4.99 -19.66 -5.68
N THR A 61 -3.94 -20.45 -5.50
CA THR A 61 -4.16 -21.71 -4.75
C THR A 61 -4.44 -21.51 -3.26
N LEU A 62 -4.13 -20.33 -2.72
CA LEU A 62 -4.48 -20.00 -1.33
C LEU A 62 -5.98 -20.12 -1.11
N LYS A 63 -6.79 -19.86 -2.15
CA LYS A 63 -8.24 -20.03 -2.01
C LYS A 63 -8.68 -21.51 -1.86
N ASN A 64 -7.79 -22.47 -2.09
CA ASN A 64 -8.14 -23.86 -1.76
C ASN A 64 -8.31 -24.00 -0.26
N ARG A 65 -7.44 -23.30 0.49
CA ARG A 65 -7.47 -23.42 1.94
C ARG A 65 -8.50 -22.45 2.49
N ASN A 66 -8.60 -21.28 1.85
CA ASN A 66 -9.56 -20.29 2.30
C ASN A 66 -10.42 -19.81 1.13
N PRO A 67 -11.51 -20.54 0.86
CA PRO A 67 -12.39 -20.13 -0.24
C PRO A 67 -13.05 -18.75 -0.17
N ASN A 68 -13.12 -18.06 0.97
CA ASN A 68 -13.65 -16.71 1.09
C ASN A 68 -12.59 -15.65 0.70
N LEU A 69 -11.35 -16.04 0.63
CA LEU A 69 -10.27 -15.04 0.32
C LEU A 69 -10.52 -14.45 -1.07
N LYS A 70 -10.33 -13.13 -1.22
CA LYS A 70 -10.48 -12.54 -2.54
C LYS A 70 -9.11 -12.10 -3.00
N THR A 71 -8.89 -12.12 -4.32
CA THR A 71 -7.56 -11.63 -4.78
C THR A 71 -7.77 -10.58 -5.84
N LEU A 72 -6.89 -9.58 -5.94
CA LEU A 72 -7.03 -8.68 -7.06
C LEU A 72 -5.65 -8.51 -7.65
N LEU A 73 -5.59 -7.97 -8.87
CA LEU A 73 -4.34 -7.72 -9.53
C LEU A 73 -4.27 -6.21 -9.74
N SER A 74 -3.12 -5.61 -9.34
CA SER A 74 -2.96 -4.16 -9.36
C SER A 74 -2.16 -3.83 -10.60
N VAL A 75 -2.69 -2.91 -11.38
CA VAL A 75 -2.01 -2.53 -12.61
C VAL A 75 -1.44 -1.14 -12.44
N GLY A 76 -0.27 -0.92 -12.98
CA GLY A 76 0.33 0.39 -12.67
C GLY A 76 1.59 0.24 -11.88
N GLY A 77 1.71 1.01 -10.79
CA GLY A 77 2.92 1.00 -9.96
C GLY A 77 3.96 2.06 -10.40
N TRP A 78 5.14 2.12 -9.72
CA TRP A 78 6.17 3.21 -9.98
C TRP A 78 6.97 2.99 -11.27
N ASN A 79 7.42 1.77 -11.52
CA ASN A 79 8.13 1.47 -12.78
C ASN A 79 7.29 1.72 -13.98
N TYR A 80 6.04 1.34 -13.92
CA TYR A 80 5.12 1.72 -14.95
C TYR A 80 5.02 3.22 -14.82
N GLY A 81 5.15 4.00 -15.87
CA GLY A 81 5.00 5.46 -15.48
C GLY A 81 3.66 6.10 -14.96
N SER A 82 3.67 7.42 -14.71
CA SER A 82 2.35 8.13 -14.83
C SER A 82 1.98 8.37 -16.31
N GLN A 83 3.01 8.75 -17.08
CA GLN A 83 2.86 9.15 -18.49
C GLN A 83 2.33 7.98 -19.33
N ARG A 84 2.82 6.77 -19.04
CA ARG A 84 2.24 5.60 -19.75
C ARG A 84 0.76 5.40 -19.48
N PHE A 85 0.38 5.49 -18.20
CA PHE A 85 -1.04 5.49 -17.88
C PHE A 85 -1.83 6.65 -18.51
N SER A 86 -1.22 7.85 -18.55
CA SER A 86 -1.96 9.03 -19.07
C SER A 86 -2.38 8.73 -20.51
N LYS A 87 -1.48 8.12 -21.25
CA LYS A 87 -1.68 7.98 -22.72
C LYS A 87 -2.85 7.05 -22.97
N ILE A 88 -2.89 5.95 -22.19
CA ILE A 88 -4.03 5.01 -22.28
C ILE A 88 -5.41 5.61 -21.93
N ALA A 89 -5.50 6.32 -20.78
CA ALA A 89 -6.76 6.81 -20.27
C ALA A 89 -7.30 8.00 -21.05
N SER A 90 -6.42 8.85 -21.62
CA SER A 90 -6.86 10.10 -22.27
C SER A 90 -7.44 9.94 -23.68
N LYS A 91 -7.33 8.76 -24.28
CA LYS A 91 -7.85 8.54 -25.65
C LYS A 91 -8.97 7.51 -25.61
N THR A 92 -10.14 7.80 -26.16
CA THR A 92 -11.22 6.81 -26.06
C THR A 92 -10.91 5.43 -26.61
N GLN A 93 -10.09 5.38 -27.66
CA GLN A 93 -9.83 4.09 -28.27
C GLN A 93 -8.85 3.20 -27.45
N SER A 94 -7.75 3.79 -26.99
CA SER A 94 -6.82 3.09 -26.07
C SER A 94 -7.51 2.67 -24.76
N ARG A 95 -8.35 3.53 -24.25
CA ARG A 95 -9.06 3.29 -23.03
C ARG A 95 -10.00 2.05 -23.20
N ARG A 96 -10.77 1.99 -24.27
CA ARG A 96 -11.60 0.86 -24.54
C ARG A 96 -10.85 -0.49 -24.71
N THR A 97 -9.72 -0.45 -25.38
CA THR A 97 -8.91 -1.62 -25.62
C THR A 97 -8.45 -2.19 -24.27
N PHE A 98 -8.04 -1.23 -23.42
CA PHE A 98 -7.56 -1.62 -22.10
C PHE A 98 -8.70 -2.25 -21.28
N ILE A 99 -9.79 -1.51 -21.17
CA ILE A 99 -10.92 -1.95 -20.38
C ILE A 99 -11.40 -3.32 -20.88
N LYS A 100 -11.55 -3.47 -22.18
CA LYS A 100 -11.97 -4.80 -22.68
C LYS A 100 -11.09 -5.96 -22.34
N SER A 101 -9.80 -5.67 -22.22
CA SER A 101 -8.85 -6.72 -22.03
C SER A 101 -8.91 -7.21 -20.58
N VAL A 102 -9.41 -6.36 -19.67
CA VAL A 102 -9.18 -6.72 -18.26
C VAL A 102 -10.03 -7.99 -17.83
N PRO A 103 -11.35 -8.01 -18.02
CA PRO A 103 -12.07 -9.20 -17.40
C PRO A 103 -11.55 -10.55 -17.86
N PRO A 104 -11.32 -10.70 -19.19
CA PRO A 104 -10.83 -12.05 -19.62
C PRO A 104 -9.49 -12.48 -18.99
N PHE A 105 -8.57 -11.51 -18.83
CA PHE A 105 -7.29 -11.81 -18.27
C PHE A 105 -7.45 -12.17 -16.79
N LEU A 106 -8.28 -11.40 -16.11
CA LEU A 106 -8.50 -11.73 -14.68
C LEU A 106 -9.13 -13.08 -14.54
N ARG A 107 -10.15 -13.40 -15.35
CA ARG A 107 -10.84 -14.68 -15.23
C ARG A 107 -9.82 -15.81 -15.57
N THR A 108 -9.00 -15.64 -16.60
CA THR A 108 -8.00 -16.66 -16.92
C THR A 108 -7.08 -16.96 -15.76
N HIS A 109 -6.72 -15.89 -15.03
CA HIS A 109 -5.70 -16.06 -13.97
C HIS A 109 -6.27 -16.18 -12.57
N GLY A 110 -7.57 -16.21 -12.48
CA GLY A 110 -8.27 -16.54 -11.22
C GLY A 110 -8.33 -15.40 -10.23
N PHE A 111 -8.18 -14.18 -10.71
CA PHE A 111 -8.43 -12.99 -9.86
C PHE A 111 -9.88 -12.63 -9.76
N ASP A 112 -10.24 -12.13 -8.58
CA ASP A 112 -11.54 -11.54 -8.34
C ASP A 112 -11.74 -10.07 -8.65
N GLY A 113 -10.70 -9.34 -9.04
CA GLY A 113 -10.91 -7.97 -9.37
C GLY A 113 -9.57 -7.31 -9.73
N LEU A 114 -9.70 -6.03 -10.00
CA LEU A 114 -8.63 -5.19 -10.48
C LEU A 114 -8.45 -4.04 -9.49
N ASP A 115 -7.20 -3.80 -9.17
CA ASP A 115 -6.81 -2.60 -8.42
C ASP A 115 -6.12 -1.63 -9.33
N LEU A 116 -6.65 -0.42 -9.43
CA LEU A 116 -5.95 0.61 -10.22
C LEU A 116 -4.87 1.35 -9.41
N ALA A 117 -3.59 1.23 -9.82
CA ALA A 117 -2.50 1.89 -9.13
C ALA A 117 -1.80 2.86 -10.10
N TRP A 118 -2.55 3.81 -10.64
CA TRP A 118 -1.86 4.84 -11.43
C TRP A 118 -1.13 5.79 -10.49
N LEU A 119 0.22 5.77 -10.50
CA LEU A 119 1.04 6.59 -9.58
C LEU A 119 1.83 7.69 -10.34
N TRP A 120 1.23 8.87 -10.58
CA TRP A 120 -0.05 9.36 -10.17
C TRP A 120 -0.56 10.31 -11.29
N PRO A 121 -1.88 10.40 -11.43
CA PRO A 121 -2.49 11.36 -12.37
C PRO A 121 -2.14 12.84 -12.08
N GLY A 122 -1.82 13.58 -13.14
CA GLY A 122 -1.51 15.04 -13.06
C GLY A 122 -2.86 15.77 -13.16
N TRP A 123 -2.81 17.11 -13.06
CA TRP A 123 -4.06 17.88 -13.14
C TRP A 123 -4.72 17.70 -14.50
N ARG A 124 -3.92 17.44 -15.56
CA ARG A 124 -4.61 17.18 -16.87
C ARG A 124 -5.29 15.82 -16.95
N ASP A 125 -4.98 14.95 -15.96
CA ASP A 125 -5.44 13.56 -15.99
C ASP A 125 -6.68 13.28 -15.16
N LYS A 126 -7.07 14.22 -14.28
CA LYS A 126 -8.13 13.99 -13.25
C LYS A 126 -9.42 13.52 -13.90
N ARG A 127 -9.81 14.24 -14.96
CA ARG A 127 -11.03 13.92 -15.60
C ARG A 127 -10.96 12.57 -16.36
N HIS A 128 -9.79 12.23 -16.92
CA HIS A 128 -9.62 10.89 -17.56
C HIS A 128 -9.64 9.71 -16.56
N LEU A 129 -9.05 9.92 -15.40
CA LEU A 129 -9.20 8.87 -14.36
C LEU A 129 -10.66 8.69 -14.01
N THR A 130 -11.43 9.77 -13.93
CA THR A 130 -12.83 9.56 -13.61
C THR A 130 -13.50 8.67 -14.67
N THR A 131 -13.25 9.02 -15.94
CA THR A 131 -13.84 8.28 -17.01
C THR A 131 -13.35 6.82 -17.00
N LEU A 132 -12.07 6.60 -16.86
CA LEU A 132 -11.55 5.21 -16.72
C LEU A 132 -12.28 4.40 -15.64
N VAL A 133 -12.46 4.99 -14.46
CA VAL A 133 -13.02 4.26 -13.33
C VAL A 133 -14.49 3.93 -13.67
N LYS A 134 -15.23 4.95 -14.18
CA LYS A 134 -16.63 4.71 -14.50
C LYS A 134 -16.80 3.62 -15.59
N GLU A 135 -16.00 3.71 -16.64
CA GLU A 135 -16.11 2.79 -17.75
C GLU A 135 -15.63 1.39 -17.38
N MET A 136 -14.58 1.31 -16.55
CA MET A 136 -14.08 -0.03 -16.12
C MET A 136 -15.17 -0.66 -15.26
N LYS A 137 -15.76 0.13 -14.32
CA LYS A 137 -16.82 -0.46 -13.52
C LYS A 137 -17.99 -0.89 -14.42
N ALA A 138 -18.39 -0.03 -15.36
CA ALA A 138 -19.45 -0.49 -16.30
C ALA A 138 -19.16 -1.80 -17.05
N GLU A 139 -17.88 -2.03 -17.42
CA GLU A 139 -17.50 -3.24 -18.13
C GLU A 139 -17.62 -4.44 -17.17
N PHE A 140 -17.26 -4.19 -15.91
CA PHE A 140 -17.44 -5.27 -14.91
C PHE A 140 -18.92 -5.59 -14.67
N VAL A 141 -19.76 -4.57 -14.60
CA VAL A 141 -21.20 -4.83 -14.44
C VAL A 141 -21.68 -5.68 -15.64
N ARG A 142 -21.34 -5.27 -16.84
CA ARG A 142 -21.71 -6.05 -18.04
C ARG A 142 -21.20 -7.52 -17.95
N GLU A 143 -19.95 -7.70 -17.59
CA GLU A 143 -19.33 -9.01 -17.60
C GLU A 143 -20.00 -9.96 -16.56
N ALA A 144 -20.49 -9.39 -15.45
CA ALA A 144 -21.20 -10.18 -14.41
C ALA A 144 -22.46 -10.90 -14.98
N GLN A 145 -22.96 -10.39 -16.12
CA GLN A 145 -24.18 -10.99 -16.71
C GLN A 145 -23.98 -12.44 -17.17
N ALA A 146 -22.72 -12.86 -17.34
CA ALA A 146 -22.36 -14.16 -17.85
C ALA A 146 -22.26 -15.21 -16.74
N GLY A 147 -22.63 -14.81 -15.55
CA GLY A 147 -22.98 -15.74 -14.55
C GLY A 147 -21.96 -15.82 -13.43
N THR A 148 -20.80 -15.19 -13.57
CA THR A 148 -19.85 -15.28 -12.43
C THR A 148 -19.81 -14.03 -11.55
N GLU A 149 -19.48 -14.17 -10.26
CA GLU A 149 -19.65 -13.06 -9.31
C GLU A 149 -18.91 -11.81 -9.83
N GLN A 150 -19.55 -10.65 -9.81
CA GLN A 150 -18.97 -9.43 -10.42
C GLN A 150 -17.54 -9.16 -9.92
N LEU A 151 -16.66 -8.79 -10.87
CA LEU A 151 -15.26 -8.45 -10.47
C LEU A 151 -15.28 -7.24 -9.63
N LEU A 152 -14.35 -7.20 -8.65
CA LEU A 152 -14.17 -6.02 -7.79
C LEU A 152 -13.29 -4.99 -8.50
N LEU A 153 -13.50 -3.72 -8.19
CA LEU A 153 -12.66 -2.62 -8.67
C LEU A 153 -12.23 -1.72 -7.47
N SER A 154 -10.91 -1.58 -7.29
CA SER A 154 -10.37 -0.72 -6.27
C SER A 154 -9.37 0.23 -6.85
N ALA A 155 -8.88 1.14 -6.03
CA ALA A 155 -7.85 2.08 -6.45
C ALA A 155 -7.00 2.47 -5.28
N ALA A 156 -5.70 2.60 -5.55
CA ALA A 156 -4.71 3.14 -4.58
C ALA A 156 -4.55 4.63 -4.78
N VAL A 157 -4.76 5.39 -3.71
CA VAL A 157 -4.84 6.82 -3.81
C VAL A 157 -3.87 7.40 -2.81
N THR A 158 -3.05 8.30 -3.29
CA THR A 158 -2.05 8.94 -2.44
C THR A 158 -2.74 9.78 -1.32
N ALA A 159 -2.02 9.98 -0.21
CA ALA A 159 -2.65 10.60 0.97
C ALA A 159 -2.27 12.07 1.18
N GLY A 160 -1.36 12.59 0.34
CA GLY A 160 -1.05 14.04 0.38
C GLY A 160 -2.17 14.86 -0.25
N LYS A 161 -2.66 15.87 0.49
CA LYS A 161 -3.68 16.79 -0.01
C LYS A 161 -3.33 17.28 -1.42
N ILE A 162 -2.09 17.71 -1.65
CA ILE A 162 -1.76 18.27 -2.94
C ILE A 162 -1.97 17.26 -4.09
N ALA A 163 -1.41 16.05 -3.97
CA ALA A 163 -1.67 14.97 -4.95
C ALA A 163 -3.12 14.62 -5.12
N ILE A 164 -3.90 14.58 -4.03
CA ILE A 164 -5.31 14.26 -4.13
C ILE A 164 -6.03 15.35 -4.96
N ASP A 165 -5.77 16.60 -4.61
CA ASP A 165 -6.49 17.72 -5.29
C ASP A 165 -6.06 17.78 -6.75
N ARG A 166 -4.80 17.52 -7.01
CA ARG A 166 -4.27 17.53 -8.40
C ARG A 166 -4.99 16.46 -9.31
N GLY A 167 -5.09 15.21 -8.82
CA GLY A 167 -5.43 14.12 -9.72
C GLY A 167 -6.72 13.38 -9.63
N TYR A 168 -7.48 13.61 -8.56
CA TYR A 168 -8.56 12.71 -8.21
C TYR A 168 -9.86 13.43 -7.99
N ASP A 169 -10.92 13.00 -8.65
CA ASP A 169 -12.23 13.49 -8.33
C ASP A 169 -12.87 12.44 -7.41
N ILE A 170 -12.56 12.63 -6.13
CA ILE A 170 -12.88 11.59 -5.10
C ILE A 170 -14.34 11.36 -5.02
N ALA A 171 -15.16 12.45 -5.07
CA ALA A 171 -16.63 12.25 -5.02
C ALA A 171 -17.16 11.35 -6.14
N GLN A 172 -16.65 11.56 -7.35
CA GLN A 172 -17.08 10.74 -8.48
C GLN A 172 -16.49 9.32 -8.46
N ILE A 173 -15.17 9.18 -8.34
CA ILE A 173 -14.61 7.81 -8.40
C ILE A 173 -15.13 6.94 -7.28
N SER A 174 -15.37 7.53 -6.08
CA SER A 174 -15.86 6.71 -4.96
C SER A 174 -17.19 6.06 -5.28
N ARG A 175 -18.01 6.66 -6.19
CA ARG A 175 -19.32 5.99 -6.54
C ARG A 175 -19.16 4.62 -7.15
N HIS A 176 -18.06 4.40 -7.88
CA HIS A 176 -17.87 3.22 -8.74
C HIS A 176 -16.89 2.19 -8.17
N LEU A 177 -16.04 2.62 -7.21
CA LEU A 177 -15.00 1.74 -6.69
C LEU A 177 -15.61 0.97 -5.55
N ASP A 178 -15.20 -0.28 -5.38
CA ASP A 178 -15.63 -1.08 -4.21
C ASP A 178 -14.86 -0.69 -2.95
N PHE A 179 -13.61 -0.24 -3.11
CA PHE A 179 -12.89 0.41 -1.99
C PHE A 179 -11.75 1.25 -2.54
N ILE A 180 -11.30 2.20 -1.73
CA ILE A 180 -10.19 3.08 -2.02
C ILE A 180 -9.14 2.83 -0.92
N SER A 181 -7.92 2.43 -1.32
CA SER A 181 -6.82 2.29 -0.33
C SER A 181 -6.06 3.61 -0.31
N LEU A 182 -6.05 4.25 0.84
CA LEU A 182 -5.36 5.50 0.98
C LEU A 182 -3.97 5.27 1.46
N LEU A 183 -2.98 5.88 0.76
CA LEU A 183 -1.60 5.50 0.94
C LEU A 183 -0.92 6.30 2.07
N THR A 184 -1.44 6.16 3.29
CA THR A 184 -1.10 7.04 4.43
C THR A 184 0.26 6.64 5.04
N TYR A 185 1.31 6.65 4.21
CA TYR A 185 2.66 6.29 4.69
C TYR A 185 3.78 6.90 3.84
N ASP A 186 3.47 8.01 3.17
CA ASP A 186 4.53 8.66 2.40
C ASP A 186 4.61 10.15 2.74
N PHE A 187 4.44 10.45 4.01
CA PHE A 187 4.38 11.87 4.46
C PHE A 187 5.75 12.53 4.69
N HIS A 188 6.86 11.78 4.57
CA HIS A 188 8.21 12.32 4.74
C HIS A 188 9.11 11.37 3.88
N GLY A 189 10.27 11.87 3.46
CA GLY A 189 11.24 11.10 2.64
C GLY A 189 12.56 11.86 2.62
N ALA A 190 13.60 11.32 2.01
CA ALA A 190 14.92 11.98 2.11
C ALA A 190 14.98 13.36 1.41
N TRP A 191 14.00 13.61 0.52
CA TRP A 191 13.84 14.91 -0.18
C TRP A 191 13.72 16.06 0.83
N ARG A 192 13.39 15.71 2.06
CA ARG A 192 13.45 16.67 3.12
C ARG A 192 14.88 16.67 3.62
N GLN A 193 15.26 17.67 4.40
CA GLN A 193 16.70 17.69 4.75
C GLN A 193 16.82 17.33 6.19
N THR A 194 15.73 16.81 6.74
CA THR A 194 15.72 16.41 8.12
C THR A 194 15.10 15.05 8.23
N VAL A 195 15.30 14.48 9.39
CA VAL A 195 14.55 13.31 9.89
C VAL A 195 13.07 13.65 10.03
N GLY A 196 12.19 12.63 9.93
CA GLY A 196 10.77 12.89 10.16
C GLY A 196 10.09 11.55 9.90
N HIS A 197 8.85 11.45 10.34
CA HIS A 197 8.10 10.22 10.13
C HIS A 197 7.18 10.33 8.89
N HIS A 198 7.12 9.25 8.10
CA HIS A 198 6.36 9.19 6.90
C HIS A 198 4.95 8.62 7.17
N SER A 199 4.71 8.00 8.33
CA SER A 199 3.36 7.55 8.58
C SER A 199 2.73 8.00 9.92
N PRO A 200 2.97 9.25 10.32
CA PRO A 200 2.36 9.63 11.62
C PRO A 200 0.80 9.61 11.57
N LEU A 201 0.16 9.23 12.69
CA LEU A 201 -1.27 9.28 12.71
C LEU A 201 -1.75 10.75 12.84
N PHE A 202 -1.11 11.53 13.73
CA PHE A 202 -1.44 12.96 13.95
C PHE A 202 -0.24 13.87 13.71
N ARG A 203 -0.47 15.16 13.63
CA ARG A 203 0.56 16.13 13.40
C ARG A 203 1.59 16.22 14.51
N GLY A 204 1.11 16.00 15.69
CA GLY A 204 1.83 16.42 16.89
C GLY A 204 2.16 17.91 17.05
N ASN A 205 1.75 18.43 18.21
CA ASN A 205 2.22 19.69 18.81
C ASN A 205 3.58 20.20 18.30
N GLU A 206 4.51 19.27 18.03
CA GLU A 206 5.85 19.55 17.49
C GLU A 206 5.89 20.93 16.82
N ASP A 207 5.21 21.01 15.69
CA ASP A 207 5.09 22.21 14.88
C ASP A 207 4.22 22.03 13.61
N ALA A 208 3.81 23.11 12.99
CA ALA A 208 3.00 22.95 11.80
C ALA A 208 3.49 23.74 10.57
N SER A 209 4.62 23.33 10.02
CA SER A 209 5.13 23.86 8.78
C SER A 209 4.18 23.43 7.69
N SER A 210 3.70 22.21 7.91
CA SER A 210 2.71 21.52 7.11
C SER A 210 1.85 20.61 7.97
N ARG A 211 0.68 21.09 8.37
CA ARG A 211 -0.36 20.26 8.94
C ARG A 211 -0.83 19.66 7.63
N PHE A 212 -1.64 18.66 7.64
CA PHE A 212 -1.88 17.95 6.39
C PHE A 212 -1.06 16.65 6.25
N SER A 213 0.22 16.66 6.62
CA SER A 213 1.16 15.54 6.41
C SER A 213 1.00 14.45 7.51
N ASN A 214 -0.22 13.99 7.70
CA ASN A 214 -0.54 12.95 8.68
C ASN A 214 -1.79 12.20 8.29
N ALA A 215 -1.92 10.97 8.77
CA ALA A 215 -3.01 10.07 8.34
C ALA A 215 -4.37 10.65 8.70
N ASP A 216 -4.50 11.21 9.91
CA ASP A 216 -5.81 11.72 10.32
C ASP A 216 -6.27 12.79 9.35
N TYR A 217 -5.39 13.71 9.01
CA TYR A 217 -5.76 14.77 8.06
C TYR A 217 -6.26 14.16 6.76
N ALA A 218 -5.54 13.16 6.26
CA ALA A 218 -5.90 12.53 5.00
C ALA A 218 -7.21 11.83 5.05
N VAL A 219 -7.49 11.07 6.13
CA VAL A 219 -8.72 10.35 6.27
C VAL A 219 -9.86 11.39 6.35
N SER A 220 -9.69 12.42 7.18
CA SER A 220 -10.74 13.46 7.32
C SER A 220 -11.01 14.19 5.99
N TYR A 221 -9.96 14.46 5.22
CA TYR A 221 -10.09 15.07 3.92
C TYR A 221 -10.86 14.22 2.91
N MET A 222 -10.49 12.93 2.82
CA MET A 222 -11.19 12.02 1.91
C MET A 222 -12.69 11.93 2.24
N LEU A 223 -13.01 11.79 3.52
CA LEU A 223 -14.41 11.83 3.92
C LEU A 223 -15.09 13.17 3.56
N ARG A 224 -14.41 14.31 3.79
CA ARG A 224 -14.90 15.66 3.43
C ARG A 224 -15.15 15.77 1.92
N LEU A 225 -14.27 15.17 1.14
CA LEU A 225 -14.45 15.15 -0.30
C LEU A 225 -15.51 14.18 -0.79
N GLY A 226 -16.10 13.38 0.08
CA GLY A 226 -17.19 12.49 -0.31
C GLY A 226 -16.90 11.02 -0.53
N ALA A 227 -15.72 10.57 -0.13
CA ALA A 227 -15.49 9.15 -0.08
C ALA A 227 -16.34 8.67 1.12
N PRO A 228 -17.29 7.76 0.89
CA PRO A 228 -18.03 7.18 2.01
C PRO A 228 -17.07 6.48 2.97
N ALA A 229 -17.29 6.61 4.29
CA ALA A 229 -16.49 5.81 5.20
C ALA A 229 -16.42 4.32 4.82
N ASN A 230 -17.57 3.75 4.39
CA ASN A 230 -17.63 2.36 4.12
C ASN A 230 -16.90 1.98 2.79
N LYS A 231 -16.27 2.93 2.16
CA LYS A 231 -15.35 2.56 1.05
C LYS A 231 -13.89 2.91 1.25
N LEU A 232 -13.55 3.49 2.40
CA LEU A 232 -12.26 4.05 2.58
C LEU A 232 -11.45 3.08 3.44
N VAL A 233 -10.25 2.73 2.97
CA VAL A 233 -9.41 1.77 3.64
C VAL A 233 -8.11 2.46 3.99
N MET A 234 -7.69 2.46 5.28
CA MET A 234 -6.49 3.22 5.60
C MET A 234 -5.21 2.36 5.49
N GLY A 235 -4.25 2.87 4.70
CA GLY A 235 -2.90 2.20 4.54
C GLY A 235 -2.04 2.22 5.81
N ILE A 236 -1.37 1.10 6.03
CA ILE A 236 -0.48 0.97 7.20
C ILE A 236 0.70 0.22 6.61
N PRO A 237 1.90 0.81 6.77
CA PRO A 237 3.11 0.21 6.22
C PRO A 237 3.69 -0.81 7.10
N THR A 238 4.33 -1.83 6.47
CA THR A 238 5.11 -2.78 7.29
C THR A 238 6.63 -2.40 7.13
N PHE A 239 6.98 -1.59 6.14
CA PHE A 239 8.39 -1.14 5.98
C PHE A 239 8.60 0.08 6.86
N GLY A 240 9.87 0.49 7.02
CA GLY A 240 10.19 1.83 7.62
C GLY A 240 11.10 2.54 6.63
N ARG A 241 11.41 3.78 6.93
CA ARG A 241 12.26 4.54 6.06
C ARG A 241 13.46 4.95 6.89
N SER A 242 14.60 4.88 6.25
CA SER A 242 15.87 5.16 6.93
C SER A 242 16.54 6.40 6.35
N TYR A 243 17.37 7.04 7.18
CA TYR A 243 18.11 8.24 6.82
C TYR A 243 19.51 8.08 7.35
N THR A 244 20.44 8.76 6.68
CA THR A 244 21.79 8.92 7.25
C THR A 244 21.90 10.32 7.87
N LEU A 245 22.25 10.35 9.16
CA LEU A 245 22.26 11.52 10.00
C LEU A 245 23.48 12.40 9.61
N ALA A 246 23.29 13.71 9.61
CA ALA A 246 24.37 14.66 9.26
C ALA A 246 25.22 15.06 10.46
N SER A 247 24.68 14.88 11.66
CA SER A 247 25.28 15.36 12.87
C SER A 247 24.98 14.32 13.95
N SER A 248 25.35 14.60 15.19
CA SER A 248 25.05 13.63 16.26
C SER A 248 23.62 13.85 16.77
N LYS A 249 22.95 14.86 16.26
CA LYS A 249 21.56 15.11 16.68
C LYS A 249 20.62 14.04 16.10
N THR A 250 19.66 13.58 16.92
CA THR A 250 18.87 12.38 16.60
C THR A 250 17.38 12.70 16.77
N ASP A 251 17.15 13.98 16.98
CA ASP A 251 16.02 14.52 17.73
C ASP A 251 15.06 15.08 16.66
N VAL A 252 13.85 15.46 17.07
CA VAL A 252 12.95 16.23 16.21
C VAL A 252 13.75 17.31 15.49
N GLY A 253 13.71 17.33 14.16
CA GLY A 253 14.41 18.34 13.35
C GLY A 253 15.84 18.05 12.91
N ALA A 254 16.40 16.96 13.40
CA ALA A 254 17.79 16.60 13.11
C ALA A 254 18.11 16.55 11.62
N PRO A 255 19.23 17.15 11.22
CA PRO A 255 19.61 17.19 9.83
C PRO A 255 20.10 15.84 9.31
N ILE A 256 19.97 15.66 8.00
CA ILE A 256 20.21 14.43 7.32
C ILE A 256 21.08 14.65 6.10
N SER A 257 21.96 13.70 5.82
CA SER A 257 22.76 13.76 4.61
C SER A 257 22.19 13.02 3.41
N GLY A 258 21.15 12.19 3.61
CA GLY A 258 20.57 11.41 2.52
C GLY A 258 19.77 10.25 3.16
N PRO A 259 19.30 9.29 2.35
CA PRO A 259 18.62 8.11 2.82
C PRO A 259 19.62 7.21 3.51
N GLY A 260 19.10 6.23 4.27
CA GLY A 260 19.96 5.33 5.02
C GLY A 260 20.56 4.32 4.10
N ILE A 261 21.61 3.64 4.59
CA ILE A 261 22.20 2.58 3.83
C ILE A 261 21.21 1.45 3.56
N PRO A 262 21.38 0.73 2.45
CA PRO A 262 20.45 -0.33 2.07
C PRO A 262 20.36 -1.44 3.09
N GLY A 263 19.18 -2.03 3.24
CA GLY A 263 19.05 -3.26 4.01
C GLY A 263 19.78 -4.44 3.35
N ARG A 264 20.18 -5.39 4.19
CA ARG A 264 20.85 -6.61 3.74
C ARG A 264 20.02 -7.39 2.79
N PHE A 265 18.69 -7.36 2.98
CA PHE A 265 17.84 -8.14 2.08
C PHE A 265 17.05 -7.37 1.02
N THR A 266 16.53 -6.19 1.40
CA THR A 266 15.72 -5.38 0.48
C THR A 266 16.61 -4.56 -0.45
N LYS A 267 17.86 -4.28 -0.05
CA LYS A 267 18.86 -3.62 -0.94
C LYS A 267 18.36 -2.37 -1.70
N TRP A 268 17.74 -1.49 -0.95
CA TRP A 268 17.29 -0.24 -1.49
C TRP A 268 17.52 0.84 -0.47
N LYS A 269 18.35 1.83 -0.79
CA LYS A 269 18.64 2.88 0.19
C LYS A 269 17.34 3.60 0.58
N GLY A 270 17.21 3.89 1.86
CA GLY A 270 16.08 4.70 2.35
C GLY A 270 14.87 3.84 2.81
N ILE A 271 14.86 2.53 2.51
CA ILE A 271 13.78 1.66 3.00
C ILE A 271 14.28 0.44 3.71
N LEU A 272 13.56 -0.05 4.74
CA LEU A 272 13.90 -1.36 5.37
C LEU A 272 12.58 -2.12 5.58
N ALA A 273 12.62 -3.46 5.38
CA ALA A 273 11.51 -4.35 5.76
C ALA A 273 11.41 -4.39 7.29
N TYR A 274 10.25 -4.78 7.79
CA TYR A 274 10.13 -4.90 9.24
C TYR A 274 11.07 -5.93 9.82
N TYR A 275 11.29 -7.04 9.11
CA TYR A 275 12.24 -8.06 9.59
C TYR A 275 13.65 -7.49 9.71
N GLU A 276 14.00 -6.60 8.76
CA GLU A 276 15.32 -5.93 8.84
C GLU A 276 15.37 -5.00 10.00
N ILE A 277 14.27 -4.28 10.23
CA ILE A 277 14.18 -3.39 11.36
C ILE A 277 14.24 -4.10 12.74
N CYS A 278 13.62 -5.26 12.85
CA CYS A 278 13.74 -6.06 14.11
C CYS A 278 15.22 -6.34 14.35
N ASP A 279 15.99 -6.61 13.29
CA ASP A 279 17.40 -6.84 13.52
C ASP A 279 18.13 -5.54 13.93
N PHE A 280 17.86 -4.46 13.19
CA PHE A 280 18.43 -3.14 13.47
C PHE A 280 18.22 -2.70 14.92
N LEU A 281 17.10 -3.08 15.53
CA LEU A 281 16.80 -2.58 16.88
C LEU A 281 17.84 -3.13 17.90
N HIS A 282 18.55 -4.20 17.57
CA HIS A 282 19.57 -4.74 18.50
C HIS A 282 20.70 -3.77 18.53
N GLY A 283 20.87 -3.16 19.70
CA GLY A 283 21.87 -2.12 19.88
C GLY A 283 21.41 -0.71 19.53
N ALA A 284 20.14 -0.53 19.14
CA ALA A 284 19.65 0.81 18.76
C ALA A 284 19.05 1.50 19.99
N THR A 285 18.90 2.79 19.91
CA THR A 285 18.07 3.52 20.87
C THR A 285 16.68 3.79 20.28
N THR A 286 15.63 3.50 21.05
CA THR A 286 14.26 3.65 20.56
C THR A 286 13.59 4.85 21.16
N HIS A 287 12.78 5.52 20.38
CA HIS A 287 12.01 6.67 20.83
C HIS A 287 10.61 6.58 20.24
N ARG A 288 9.60 7.20 20.85
CA ARG A 288 8.32 7.36 20.11
C ARG A 288 8.14 8.84 19.94
N PHE A 289 7.50 9.25 18.87
CA PHE A 289 6.86 10.57 18.81
C PHE A 289 5.52 10.49 19.48
N ARG A 290 5.41 11.16 20.62
CA ARG A 290 4.23 10.93 21.45
C ARG A 290 2.95 11.45 20.82
N ASP A 291 3.06 12.62 20.20
CA ASP A 291 1.93 13.26 19.58
C ASP A 291 1.55 12.54 18.29
N GLN A 292 2.55 12.18 17.49
CA GLN A 292 2.28 11.57 16.20
C GLN A 292 1.94 10.07 16.35
N GLN A 293 2.32 9.46 17.47
CA GLN A 293 1.97 8.14 17.94
C GLN A 293 2.62 7.03 17.09
N VAL A 294 3.87 7.30 16.73
CA VAL A 294 4.67 6.33 15.94
C VAL A 294 6.16 6.33 16.35
N PRO A 295 6.83 5.18 16.22
CA PRO A 295 8.19 5.07 16.74
C PRO A 295 9.32 5.40 15.73
N TYR A 296 10.50 5.71 16.27
CA TYR A 296 11.71 5.76 15.44
C TYR A 296 12.86 5.15 16.24
N ALA A 297 13.97 4.80 15.57
CA ALA A 297 15.09 4.18 16.34
C ALA A 297 16.38 4.63 15.67
N THR A 298 17.48 4.62 16.39
CA THR A 298 18.71 5.12 15.76
C THR A 298 19.91 4.31 16.32
N LYS A 299 20.94 4.14 15.49
CA LYS A 299 22.16 3.39 15.83
C LYS A 299 23.25 3.97 14.90
N GLY A 300 24.45 4.28 15.43
CA GLY A 300 25.51 4.93 14.60
C GLY A 300 24.99 6.19 13.92
N ASN A 301 25.20 6.31 12.63
CA ASN A 301 24.68 7.46 11.87
C ASN A 301 23.31 7.14 11.13
N GLN A 302 22.66 6.08 11.57
CA GLN A 302 21.41 5.65 10.85
C GLN A 302 20.20 5.94 11.71
N TRP A 303 19.13 6.45 11.10
CA TRP A 303 17.91 6.81 11.83
C TRP A 303 16.74 6.23 10.99
N VAL A 304 15.83 5.50 11.65
CA VAL A 304 14.80 4.71 10.98
C VAL A 304 13.47 5.10 11.62
N ALA A 305 12.52 5.58 10.80
CA ALA A 305 11.10 5.80 11.21
C ALA A 305 10.35 4.56 10.80
N TYR A 306 9.59 3.95 11.71
CA TYR A 306 8.95 2.70 11.37
C TYR A 306 7.61 2.50 12.11
N ASP A 307 6.96 1.39 11.82
CA ASP A 307 5.77 1.05 12.57
C ASP A 307 6.04 -0.26 13.28
N ASP A 308 5.45 -0.40 14.46
CA ASP A 308 5.58 -1.65 15.23
C ASP A 308 4.21 -2.16 15.65
N GLN A 309 4.19 -3.25 16.41
CA GLN A 309 2.93 -3.86 16.82
C GLN A 309 2.09 -2.79 17.50
N GLU A 310 2.68 -1.95 18.37
CA GLU A 310 1.82 -0.98 19.07
C GLU A 310 1.28 0.09 18.15
N SER A 311 2.13 0.61 17.24
CA SER A 311 1.60 1.68 16.38
C SER A 311 0.59 1.15 15.38
N VAL A 312 0.83 -0.06 14.86
CA VAL A 312 -0.22 -0.63 13.94
C VAL A 312 -1.54 -0.93 14.60
N LYS A 313 -1.52 -1.42 15.83
CA LYS A 313 -2.79 -1.58 16.59
C LYS A 313 -3.49 -0.26 16.81
N ASN A 314 -2.70 0.78 17.11
CA ASN A 314 -3.25 2.06 17.39
C ASN A 314 -3.96 2.64 16.17
N LYS A 315 -3.32 2.48 14.99
CA LYS A 315 -3.97 2.81 13.70
C LYS A 315 -5.24 2.00 13.42
N ALA A 316 -5.22 0.72 13.76
CA ALA A 316 -6.40 -0.13 13.54
C ALA A 316 -7.54 0.37 14.45
N ARG A 317 -7.21 0.74 15.70
CA ARG A 317 -8.29 1.28 16.60
C ARG A 317 -8.84 2.55 16.07
N TYR A 318 -7.97 3.39 15.49
CA TYR A 318 -8.40 4.65 14.93
C TYR A 318 -9.33 4.46 13.74
N LEU A 319 -8.98 3.57 12.80
CA LEU A 319 -9.85 3.54 11.64
C LEU A 319 -11.19 2.87 12.03
N LYS A 320 -11.22 1.95 13.02
CA LYS A 320 -12.48 1.33 13.43
C LYS A 320 -13.34 2.48 14.11
N ASN A 321 -12.68 3.34 14.88
CA ASN A 321 -13.43 4.48 15.51
C ASN A 321 -14.05 5.45 14.53
N ARG A 322 -13.39 5.60 13.35
CA ARG A 322 -13.92 6.41 12.27
C ARG A 322 -14.77 5.59 11.32
N GLN A 323 -15.06 4.34 11.71
CA GLN A 323 -15.98 3.42 11.00
C GLN A 323 -15.57 3.29 9.52
N LEU A 324 -14.25 3.23 9.31
CA LEU A 324 -13.76 2.98 7.92
C LEU A 324 -13.97 1.55 7.55
N ALA A 325 -13.81 1.24 6.24
CA ALA A 325 -14.09 -0.08 5.77
C ALA A 325 -13.04 -1.03 6.24
N GLY A 326 -11.86 -0.53 6.60
CA GLY A 326 -10.77 -1.45 7.09
C GLY A 326 -9.37 -0.87 6.85
N ALA A 327 -8.34 -1.77 6.78
CA ALA A 327 -6.95 -1.40 6.68
C ALA A 327 -6.36 -1.99 5.42
N MET A 328 -5.37 -1.29 4.87
CA MET A 328 -4.58 -1.85 3.81
C MET A 328 -3.15 -1.95 4.32
N VAL A 329 -2.43 -3.01 3.87
CA VAL A 329 -1.05 -3.26 4.32
C VAL A 329 -0.11 -3.25 3.10
N TRP A 330 0.91 -2.38 3.14
CA TRP A 330 2.02 -2.39 2.14
C TRP A 330 3.24 -2.76 2.97
N ALA A 331 3.78 -3.99 2.91
CA ALA A 331 3.31 -5.08 2.09
C ALA A 331 3.59 -6.39 2.84
N LEU A 332 2.94 -7.45 2.42
CA LEU A 332 3.14 -8.77 3.10
C LEU A 332 4.57 -9.20 3.07
N ASP A 333 5.29 -8.97 1.97
CA ASP A 333 6.68 -9.45 1.93
C ASP A 333 7.65 -8.57 2.72
N LEU A 334 7.16 -7.45 3.27
CA LEU A 334 8.02 -6.57 4.11
C LEU A 334 7.66 -6.71 5.61
N ASP A 335 6.56 -7.40 5.93
CA ASP A 335 6.35 -7.85 7.34
C ASP A 335 7.34 -9.00 7.64
N ASP A 336 7.42 -9.47 8.90
CA ASP A 336 8.30 -10.62 9.18
C ASP A 336 7.51 -11.87 8.81
N PHE A 337 7.47 -12.08 7.50
CA PHE A 337 6.63 -13.16 6.97
C PHE A 337 7.12 -14.57 7.37
N ARG A 338 8.42 -14.67 7.67
CA ARG A 338 9.00 -15.95 8.14
C ARG A 338 8.76 -16.15 9.62
N GLY A 339 8.67 -15.05 10.34
CA GLY A 339 8.33 -15.08 11.72
C GLY A 339 9.55 -15.29 12.63
N THR A 340 10.76 -15.24 12.02
CA THR A 340 11.99 -15.62 12.69
C THR A 340 12.93 -14.49 13.05
N PHE A 341 12.59 -13.24 12.69
CA PHE A 341 13.42 -12.08 12.95
C PHE A 341 13.10 -11.28 14.19
N CYS A 342 11.87 -11.32 14.65
CA CYS A 342 11.39 -10.36 15.62
C CYS A 342 11.26 -10.89 17.06
N GLY A 343 11.93 -12.01 17.33
CA GLY A 343 12.07 -12.51 18.69
C GLY A 343 10.76 -13.10 19.20
N GLN A 344 9.87 -13.47 18.28
CA GLN A 344 8.64 -13.99 18.82
C GLN A 344 7.97 -15.16 18.16
N ASN A 345 8.71 -15.79 17.24
CA ASN A 345 8.23 -16.96 16.52
C ASN A 345 6.85 -16.82 15.94
N LEU A 346 6.55 -15.67 15.39
CA LEU A 346 5.21 -15.43 14.97
C LEU A 346 5.30 -14.86 13.56
N THR A 347 4.78 -15.57 12.57
CA THR A 347 4.78 -15.00 11.26
C THR A 347 3.81 -13.81 11.08
N PHE A 348 4.18 -12.86 10.22
CA PHE A 348 3.36 -11.65 10.03
C PHE A 348 2.91 -10.98 11.34
N PRO A 349 3.90 -10.56 12.17
CA PRO A 349 3.49 -9.97 13.43
C PRO A 349 2.66 -8.70 13.24
N LEU A 350 3.05 -7.86 12.27
CA LEU A 350 2.39 -6.55 12.12
C LEU A 350 0.99 -6.78 11.51
N THR A 351 0.94 -7.60 10.45
CA THR A 351 -0.37 -7.82 9.85
C THR A 351 -1.35 -8.57 10.80
N SER A 352 -0.85 -9.55 11.54
CA SER A 352 -1.76 -10.26 12.50
C SER A 352 -2.15 -9.26 13.66
N ALA A 353 -1.28 -8.29 14.03
CA ALA A 353 -1.67 -7.29 15.06
C ALA A 353 -2.85 -6.43 14.57
N ILE A 354 -2.77 -6.01 13.29
CA ILE A 354 -3.87 -5.29 12.70
C ILE A 354 -5.18 -6.17 12.70
N LYS A 355 -5.04 -7.41 12.22
CA LYS A 355 -6.17 -8.37 12.03
C LYS A 355 -6.85 -8.54 13.39
N ASP A 356 -6.07 -8.68 14.43
CA ASP A 356 -6.71 -8.96 15.75
C ASP A 356 -7.53 -7.76 16.31
N VAL A 357 -7.04 -6.53 16.12
CA VAL A 357 -7.81 -5.31 16.47
C VAL A 357 -9.08 -5.25 15.64
N LEU A 358 -8.96 -5.45 14.33
CA LEU A 358 -10.17 -5.34 13.49
C LEU A 358 -11.27 -6.34 13.94
N ALA A 359 -10.83 -7.51 14.35
CA ALA A 359 -11.73 -8.59 14.82
C ALA A 359 -12.37 -8.27 16.17
N ARG A 360 -11.72 -7.45 17.00
CA ARG A 360 -12.37 -7.14 18.29
C ARG A 360 -13.43 -6.00 18.25
N VAL A 361 -14.04 -5.71 19.42
CA VAL A 361 -15.24 -4.81 19.51
C VAL A 361 -15.01 -3.45 18.79
C1 NAG B . 5.35 -3.53 -20.40
C2 NAG B . 6.64 -4.35 -20.64
C3 NAG B . 7.60 -3.56 -21.59
C4 NAG B . 6.87 -3.12 -22.87
C5 NAG B . 5.61 -2.35 -22.42
C6 NAG B . 4.74 -1.74 -23.50
C7 NAG B . 7.64 -5.82 -18.95
C8 NAG B . 8.51 -5.96 -17.74
N2 NAG B . 7.44 -4.60 -19.44
O3 NAG B . 8.72 -4.41 -21.82
O4 NAG B . 7.73 -2.24 -23.62
O5 NAG B . 4.75 -3.21 -21.62
O6 NAG B . 4.53 -2.81 -24.44
O7 NAG B . 7.10 -6.84 -19.39
O 2ZO C . 7.38 -2.64 -1.67
C4 2ZO C . 8.34 -2.06 -2.01
C3 2ZO C . 8.57 -0.59 -1.81
C2 2ZO C . 9.84 -0.95 -2.47
C1 2ZO C . 10.32 -2.17 -1.67
N 2ZO C . 11.68 -2.29 -2.21
C7 2ZO C . 11.48 -3.24 -3.28
C6 2ZO C . 12.57 -2.83 -1.14
C5 2ZO C . 12.10 -0.97 -2.76
#